data_8JYS
#
_entry.id   8JYS
#
_cell.length_a   1.00
_cell.length_b   1.00
_cell.length_c   1.00
_cell.angle_alpha   90.00
_cell.angle_beta   90.00
_cell.angle_gamma   90.00
#
_symmetry.space_group_name_H-M   'P 1'
#
loop_
_entity.id
_entity.type
_entity.pdbx_description
1 polymer 'IBT-CoV144 nanobody'
2 polymer 'Spike protein S1'
#
loop_
_entity_poly.entity_id
_entity_poly.type
_entity_poly.pdbx_seq_one_letter_code
_entity_poly.pdbx_strand_id
1 'polypeptide(L)'
;QVQLVESGGGPVQAGGSLRLSCTCSRCTFNWDGMGWFRQAPGKEREFVATISWSGQEPAYADSVKGRFTISRDKPKNTVY
LQMTSLKSEDTAVYYCAAAQYTGASYSILRDQVGYDYWGQGTRVTVSAEPKTPKPQDGQAGQ
;
A,C
2 'polypeptide(L)'
;TNLCPFDEVFNATRFASVYAWNRKRISNCVADYSVLYNFAPFFAFKCYGVSPTKLNDLCFTNVYADSFVIRGNEVSQIAP
GQTGNIADYNYKLPDDFTGCVIAWNSNKLDSKVGGNYNYLYRLFRKSNLKPFERDISTEIYQAGNKPCNGVAGFNCYFPL
RSYGFRPTYGVGHQPYRVVVLSFELLHAPATVCGPK
;
B,D
#
# COMPACT_ATOMS: atom_id res chain seq x y z
N ALA A 49 -39.14 7.65 -15.19
CA ALA A 49 -38.21 7.87 -14.09
C ALA A 49 -36.77 7.97 -14.59
N THR A 50 -36.50 7.36 -15.75
CA THR A 50 -35.18 7.38 -16.36
C THR A 50 -35.30 7.86 -17.80
N ILE A 51 -34.53 8.90 -18.12
CA ILE A 51 -34.52 9.48 -19.45
C ILE A 51 -33.36 8.88 -20.24
N SER A 52 -33.63 8.50 -21.48
CA SER A 52 -32.65 7.89 -22.37
C SER A 52 -32.17 8.91 -23.37
N TRP A 53 -30.84 9.08 -23.44
CA TRP A 53 -30.26 10.05 -24.36
C TRP A 53 -30.28 9.58 -25.81
N SER A 54 -30.33 8.26 -26.05
CA SER A 54 -30.28 7.75 -27.41
C SER A 54 -31.53 8.07 -28.22
N GLY A 55 -32.63 8.45 -27.57
CA GLY A 55 -33.86 8.75 -28.25
C GLY A 55 -34.75 7.55 -28.54
N GLN A 56 -34.29 6.34 -28.22
CA GLN A 56 -35.12 5.16 -28.39
C GLN A 56 -36.05 4.99 -27.20
N GLU A 57 -37.13 4.25 -27.41
CA GLU A 57 -38.19 4.20 -26.41
C GLU A 57 -37.80 3.29 -25.25
N PRO A 58 -37.92 3.76 -23.99
CA PRO A 58 -37.60 2.94 -22.83
C PRO A 58 -38.73 1.97 -22.51
N ALA A 59 -38.46 0.99 -21.65
CA ALA A 59 -39.43 -0.01 -21.24
C ALA A 59 -40.19 0.48 -20.01
N TYR A 60 -41.52 0.41 -20.09
CA TYR A 60 -42.39 0.92 -19.03
C TYR A 60 -42.75 -0.19 -18.06
N ALA A 61 -42.57 0.07 -16.77
CA ALA A 61 -42.94 -0.90 -15.75
C ALA A 61 -44.46 -0.97 -15.62
N ASP A 62 -44.94 -2.13 -15.16
CA ASP A 62 -46.37 -2.34 -14.98
C ASP A 62 -46.89 -1.54 -13.78
N GLN A 100 -25.70 7.73 -18.02
CA GLN A 100 -24.76 8.68 -17.44
C GLN A 100 -23.35 8.45 -17.98
N TYR A 101 -23.13 7.29 -18.57
CA TYR A 101 -21.84 6.94 -19.16
C TYR A 101 -22.01 6.88 -20.68
N THR A 102 -20.93 6.52 -21.36
CA THR A 102 -20.91 6.44 -22.83
C THR A 102 -21.39 5.05 -23.22
N GLY A 103 -22.70 4.92 -23.44
CA GLY A 103 -23.27 3.68 -23.89
C GLY A 103 -24.12 3.90 -25.12
N ALA A 104 -24.43 2.80 -25.81
CA ALA A 104 -25.15 2.86 -27.07
C ALA A 104 -26.63 2.54 -26.92
N SER A 105 -26.94 1.37 -26.34
CA SER A 105 -28.32 0.89 -26.25
C SER A 105 -28.91 1.36 -24.92
N TYR A 106 -30.09 1.98 -24.98
CA TYR A 106 -30.86 2.34 -23.80
C TYR A 106 -32.08 1.44 -23.68
N SER A 107 -31.93 0.18 -24.08
CA SER A 107 -32.91 -0.84 -23.73
C SER A 107 -32.46 -1.50 -22.42
N ILE A 108 -32.15 -0.67 -21.43
CA ILE A 108 -31.53 -1.12 -20.19
C ILE A 108 -32.20 -0.44 -19.01
N LEU A 109 -31.67 -0.69 -17.81
CA LEU A 109 -32.11 -0.03 -16.58
C LEU A 109 -33.54 -0.42 -16.21
N ARG A 110 -33.86 -1.70 -16.37
CA ARG A 110 -35.10 -2.27 -15.86
C ARG A 110 -35.02 -2.60 -14.37
N ASP A 111 -33.92 -2.19 -13.72
CA ASP A 111 -33.64 -2.53 -12.34
C ASP A 111 -33.17 -1.29 -11.59
N GLN A 112 -33.10 -1.40 -10.27
CA GLN A 112 -32.57 -0.33 -9.43
C GLN A 112 -31.06 -0.39 -9.27
N VAL A 113 -30.37 -1.18 -10.09
CA VAL A 113 -28.92 -1.28 -9.97
C VAL A 113 -28.26 0.04 -10.36
N GLY A 114 -28.68 0.63 -11.47
CA GLY A 114 -28.10 1.87 -11.94
C GLY A 114 -28.71 3.09 -11.24
N TYR A 115 -28.35 4.26 -11.76
CA TYR A 115 -28.84 5.55 -11.30
C TYR A 115 -28.28 5.89 -9.93
N ASP A 116 -28.20 7.18 -9.59
CA ASP A 116 -27.68 7.60 -8.30
C ASP A 116 -28.61 7.27 -7.14
N THR B 1 -32.87 -28.29 -35.26
CA THR B 1 -32.00 -27.45 -36.08
C THR B 1 -30.76 -27.01 -35.30
N ASN B 2 -30.40 -27.80 -34.29
CA ASN B 2 -29.28 -27.55 -33.39
C ASN B 2 -29.20 -26.07 -32.99
N LEU B 3 -30.27 -25.62 -32.34
CA LEU B 3 -30.34 -24.23 -31.89
C LEU B 3 -29.22 -23.94 -30.89
N CYS B 4 -28.65 -22.75 -31.00
CA CYS B 4 -27.46 -22.39 -30.25
C CYS B 4 -27.79 -22.33 -28.76
N PRO B 5 -27.06 -23.05 -27.91
CA PRO B 5 -27.52 -23.28 -26.53
C PRO B 5 -27.19 -22.17 -25.56
N PHE B 6 -28.22 -21.61 -24.92
CA PHE B 6 -28.06 -20.61 -23.88
C PHE B 6 -28.71 -20.99 -22.54
N ASP B 7 -29.72 -21.86 -22.55
CA ASP B 7 -30.40 -22.21 -21.30
C ASP B 7 -29.45 -22.93 -20.34
N GLU B 8 -28.61 -23.81 -20.86
CA GLU B 8 -27.72 -24.59 -20.01
C GLU B 8 -26.68 -23.70 -19.31
N VAL B 9 -26.22 -22.65 -19.99
CA VAL B 9 -25.18 -21.82 -19.41
C VAL B 9 -25.74 -20.75 -18.49
N PHE B 10 -27.00 -20.37 -18.65
CA PHE B 10 -27.62 -19.43 -17.71
C PHE B 10 -28.32 -20.13 -16.54
N ASN B 11 -28.95 -21.27 -16.80
CA ASN B 11 -29.66 -22.02 -15.78
C ASN B 11 -28.82 -23.15 -15.18
N ALA B 12 -27.50 -22.97 -15.17
CA ALA B 12 -26.62 -24.00 -14.63
C ALA B 12 -26.76 -24.10 -13.11
N THR B 13 -26.79 -25.34 -12.62
CA THR B 13 -26.91 -25.57 -11.19
C THR B 13 -25.66 -25.11 -10.44
N ARG B 14 -24.49 -25.57 -10.89
CA ARG B 14 -23.23 -25.24 -10.24
C ARG B 14 -22.59 -24.08 -11.01
N PHE B 15 -22.65 -22.88 -10.43
CA PHE B 15 -22.35 -21.67 -11.17
C PHE B 15 -20.87 -21.31 -11.19
N ALA B 16 -20.01 -22.11 -10.56
CA ALA B 16 -18.59 -21.81 -10.43
C ALA B 16 -18.36 -20.49 -9.70
N SER B 17 -17.12 -20.00 -9.70
CA SER B 17 -16.73 -18.88 -8.86
C SER B 17 -15.97 -17.83 -9.68
N VAL B 18 -15.92 -16.61 -9.12
CA VAL B 18 -15.23 -15.52 -9.78
C VAL B 18 -13.72 -15.75 -9.79
N TYR B 19 -13.19 -16.44 -8.79
CA TYR B 19 -11.76 -16.75 -8.78
C TYR B 19 -11.41 -17.66 -9.96
N ALA B 20 -12.15 -18.74 -10.13
CA ALA B 20 -11.96 -19.69 -11.23
C ALA B 20 -13.25 -19.70 -12.04
N TRP B 21 -13.35 -18.78 -12.99
CA TRP B 21 -14.57 -18.61 -13.80
C TRP B 21 -14.48 -19.48 -15.04
N ASN B 22 -15.57 -20.18 -15.36
CA ASN B 22 -15.57 -21.16 -16.44
C ASN B 22 -15.78 -20.39 -17.74
N ARG B 23 -14.71 -20.26 -18.53
CA ARG B 23 -14.86 -19.78 -19.90
C ARG B 23 -15.48 -20.87 -20.77
N LYS B 24 -16.58 -20.55 -21.43
CA LYS B 24 -17.30 -21.51 -22.25
C LYS B 24 -17.32 -21.04 -23.68
N ARG B 25 -16.72 -21.82 -24.58
CA ARG B 25 -16.78 -21.54 -26.00
C ARG B 25 -18.00 -22.22 -26.61
N ILE B 26 -18.73 -21.48 -27.42
CA ILE B 26 -19.94 -22.00 -28.08
C ILE B 26 -19.62 -22.16 -29.56
N SER B 27 -19.81 -23.37 -30.07
CA SER B 27 -19.46 -23.67 -31.45
C SER B 27 -20.48 -23.07 -32.40
N ASN B 28 -20.40 -23.46 -33.67
CA ASN B 28 -21.29 -22.91 -34.68
C ASN B 28 -22.71 -23.42 -34.46
N CYS B 29 -23.65 -22.49 -34.33
CA CYS B 29 -25.06 -22.83 -34.15
C CYS B 29 -25.88 -21.56 -34.42
N VAL B 30 -27.20 -21.71 -34.35
CA VAL B 30 -28.12 -20.63 -34.66
C VAL B 30 -28.83 -20.20 -33.39
N ALA B 31 -28.77 -18.91 -33.08
CA ALA B 31 -29.28 -18.40 -31.82
C ALA B 31 -30.71 -17.91 -31.97
N ASP B 32 -31.42 -17.89 -30.86
CA ASP B 32 -32.78 -17.36 -30.78
C ASP B 32 -32.71 -16.21 -29.78
N TYR B 33 -32.54 -15.00 -30.29
CA TYR B 33 -32.40 -13.82 -29.45
C TYR B 33 -33.78 -13.36 -29.01
N SER B 34 -34.49 -14.23 -28.29
CA SER B 34 -35.74 -13.89 -27.66
C SER B 34 -35.65 -14.19 -26.17
N VAL B 35 -35.01 -15.32 -25.84
CA VAL B 35 -34.76 -15.65 -24.45
C VAL B 35 -33.64 -14.83 -23.85
N LEU B 36 -32.81 -14.20 -24.70
CA LEU B 36 -31.68 -13.43 -24.20
C LEU B 36 -32.15 -12.27 -23.32
N TYR B 37 -33.06 -11.45 -23.84
CA TYR B 37 -33.69 -10.42 -23.02
C TYR B 37 -34.97 -10.99 -22.43
N ASN B 38 -35.80 -10.12 -21.84
CA ASN B 38 -37.05 -10.47 -21.15
C ASN B 38 -36.96 -11.78 -20.39
N PHE B 39 -35.88 -11.95 -19.63
CA PHE B 39 -35.67 -13.16 -18.83
C PHE B 39 -36.52 -13.05 -17.57
N ALA B 40 -36.20 -13.88 -16.56
CA ALA B 40 -36.88 -13.85 -15.27
C ALA B 40 -36.91 -12.42 -14.74
N PRO B 41 -38.00 -12.02 -14.04
CA PRO B 41 -38.16 -10.66 -13.53
C PRO B 41 -36.91 -10.05 -12.90
N PHE B 42 -36.66 -8.77 -13.20
CA PHE B 42 -35.52 -8.05 -12.64
C PHE B 42 -34.20 -8.63 -13.12
N PHE B 43 -33.40 -7.80 -13.79
CA PHE B 43 -32.11 -8.21 -14.35
C PHE B 43 -31.42 -7.01 -14.99
N ALA B 44 -30.14 -7.15 -15.33
CA ALA B 44 -29.39 -6.10 -15.98
C ALA B 44 -28.92 -6.60 -17.34
N PHE B 45 -29.10 -5.77 -18.37
CA PHE B 45 -28.74 -6.12 -19.74
C PHE B 45 -27.88 -5.04 -20.35
N LYS B 46 -26.97 -4.48 -19.55
CA LYS B 46 -26.06 -3.47 -20.04
C LYS B 46 -25.17 -4.03 -21.15
N CYS B 47 -24.98 -3.23 -22.19
CA CYS B 47 -24.11 -3.59 -23.30
C CYS B 47 -23.66 -2.33 -24.01
N TYR B 48 -22.68 -2.48 -24.88
CA TYR B 48 -22.08 -1.36 -25.62
C TYR B 48 -22.15 -1.69 -27.11
N GLY B 49 -23.09 -1.04 -27.80
CA GLY B 49 -23.25 -1.27 -29.22
C GLY B 49 -24.03 -2.52 -29.57
N VAL B 50 -25.30 -2.56 -29.17
CA VAL B 50 -26.15 -3.70 -29.48
C VAL B 50 -27.53 -3.23 -29.95
N SER B 51 -27.74 -3.29 -31.26
CA SER B 51 -29.10 -3.23 -31.76
C SER B 51 -29.54 -4.65 -32.17
N PRO B 52 -30.76 -5.05 -31.78
CA PRO B 52 -31.17 -6.44 -32.02
C PRO B 52 -31.11 -6.85 -33.48
N THR B 53 -31.34 -5.91 -34.40
CA THR B 53 -31.34 -6.25 -35.83
C THR B 53 -30.01 -6.86 -36.25
N LYS B 54 -28.91 -6.14 -36.02
CA LYS B 54 -27.61 -6.65 -36.45
C LYS B 54 -27.18 -7.89 -35.68
N LEU B 55 -27.85 -8.21 -34.57
CA LEU B 55 -27.69 -9.53 -33.98
C LEU B 55 -28.39 -10.59 -34.82
N ASN B 56 -29.66 -10.36 -35.17
CA ASN B 56 -30.43 -11.42 -35.81
C ASN B 56 -30.12 -11.58 -37.29
N ASP B 57 -29.61 -10.54 -37.96
CA ASP B 57 -29.36 -10.66 -39.40
C ASP B 57 -28.31 -11.72 -39.70
N LEU B 58 -27.22 -11.74 -38.95
CA LEU B 58 -26.15 -12.68 -39.19
C LEU B 58 -25.43 -13.03 -37.89
N CYS B 59 -24.91 -14.25 -37.84
CA CYS B 59 -24.14 -14.76 -36.71
C CYS B 59 -22.68 -14.95 -37.14
N PHE B 60 -21.80 -15.11 -36.15
CA PHE B 60 -20.38 -14.92 -36.36
C PHE B 60 -19.59 -16.22 -36.24
N THR B 61 -18.27 -16.08 -36.35
CA THR B 61 -17.39 -17.26 -36.41
C THR B 61 -17.51 -18.11 -35.15
N ASN B 62 -17.35 -17.49 -33.98
CA ASN B 62 -17.41 -18.22 -32.72
C ASN B 62 -17.58 -17.21 -31.59
N VAL B 63 -17.89 -17.73 -30.41
CA VAL B 63 -18.13 -16.91 -29.23
C VAL B 63 -17.53 -17.61 -28.00
N TYR B 64 -16.96 -16.82 -27.11
CA TYR B 64 -16.34 -17.30 -25.87
C TYR B 64 -16.97 -16.53 -24.71
N ALA B 65 -18.03 -17.09 -24.13
CA ALA B 65 -18.71 -16.45 -23.02
C ALA B 65 -17.99 -16.72 -21.71
N ASP B 66 -18.20 -15.83 -20.74
CA ASP B 66 -17.62 -16.00 -19.41
C ASP B 66 -18.69 -15.76 -18.38
N SER B 67 -18.56 -16.41 -17.21
CA SER B 67 -19.54 -16.30 -16.14
C SER B 67 -18.84 -16.22 -14.79
N PHE B 68 -19.43 -15.44 -13.88
CA PHE B 68 -18.80 -15.18 -12.58
C PHE B 68 -19.81 -14.48 -11.66
N VAL B 69 -19.36 -14.19 -10.43
CA VAL B 69 -20.25 -13.73 -9.36
C VAL B 69 -19.57 -12.66 -8.51
N ILE B 70 -20.31 -11.60 -8.19
CA ILE B 70 -19.88 -10.57 -7.26
C ILE B 70 -21.11 -10.14 -6.45
N ARG B 71 -20.88 -9.32 -5.41
CA ARG B 71 -21.94 -8.73 -4.59
C ARG B 71 -22.59 -7.56 -5.32
N GLY B 72 -23.33 -6.73 -4.58
CA GLY B 72 -24.04 -5.60 -5.14
C GLY B 72 -23.22 -4.47 -5.70
N ASN B 73 -22.50 -3.74 -4.86
CA ASN B 73 -21.90 -2.46 -5.24
C ASN B 73 -20.53 -2.64 -5.92
N GLU B 74 -20.47 -3.51 -6.92
CA GLU B 74 -19.25 -3.64 -7.72
C GLU B 74 -19.52 -3.85 -9.20
N VAL B 75 -20.76 -3.74 -9.67
CA VAL B 75 -21.05 -3.89 -11.10
C VAL B 75 -20.56 -2.71 -11.92
N SER B 76 -19.97 -1.70 -11.29
CA SER B 76 -19.37 -0.61 -12.06
C SER B 76 -18.10 -1.07 -12.78
N GLN B 77 -17.28 -1.89 -12.11
CA GLN B 77 -15.99 -2.26 -12.66
C GLN B 77 -16.06 -3.31 -13.76
N ILE B 78 -17.10 -4.15 -13.78
CA ILE B 78 -17.22 -5.12 -14.87
C ILE B 78 -17.38 -4.38 -16.20
N ALA B 79 -18.06 -3.24 -16.19
CA ALA B 79 -18.11 -2.41 -17.38
C ALA B 79 -16.70 -1.94 -17.75
N PRO B 80 -16.38 -1.90 -19.03
CA PRO B 80 -15.01 -1.58 -19.46
C PRO B 80 -14.64 -0.16 -19.11
N GLY B 81 -13.34 0.11 -19.21
CA GLY B 81 -12.81 1.43 -18.88
C GLY B 81 -12.99 1.80 -17.42
N GLN B 82 -12.73 0.86 -16.52
CA GLN B 82 -12.91 1.08 -15.10
C GLN B 82 -11.74 0.48 -14.32
N THR B 83 -11.48 1.04 -13.15
CA THR B 83 -10.46 0.55 -12.23
C THR B 83 -11.13 0.04 -10.96
N GLY B 84 -10.30 -0.36 -10.00
CA GLY B 84 -10.80 -0.92 -8.75
C GLY B 84 -10.54 -2.41 -8.64
N ASN B 85 -9.59 -2.78 -7.78
CA ASN B 85 -9.12 -4.17 -7.74
C ASN B 85 -10.20 -5.13 -7.29
N ILE B 86 -11.31 -4.61 -6.75
CA ILE B 86 -12.46 -5.44 -6.38
C ILE B 86 -12.82 -6.34 -7.56
N ALA B 87 -12.79 -5.77 -8.77
CA ALA B 87 -12.96 -6.56 -9.99
C ALA B 87 -11.77 -6.47 -10.94
N ASP B 88 -11.00 -5.38 -10.89
CA ASP B 88 -9.84 -5.25 -11.78
C ASP B 88 -8.85 -6.37 -11.51
N TYR B 89 -8.59 -6.67 -10.23
CA TYR B 89 -7.62 -7.69 -9.90
C TYR B 89 -8.09 -9.09 -10.25
N ASN B 90 -9.35 -9.24 -10.66
CA ASN B 90 -9.87 -10.51 -11.14
C ASN B 90 -10.33 -10.49 -12.58
N TYR B 91 -10.56 -9.31 -13.16
CA TYR B 91 -11.05 -9.23 -14.52
C TYR B 91 -10.77 -7.85 -15.10
N LYS B 92 -10.73 -7.76 -16.43
CA LYS B 92 -10.48 -6.52 -17.12
C LYS B 92 -10.80 -6.72 -18.60
N LEU B 93 -11.41 -5.72 -19.22
CA LEU B 93 -11.81 -5.78 -20.61
C LEU B 93 -11.20 -4.61 -21.39
N PRO B 94 -10.86 -4.80 -22.66
CA PRO B 94 -10.24 -3.72 -23.42
C PRO B 94 -11.24 -2.63 -23.74
N ASP B 95 -10.70 -1.45 -24.04
CA ASP B 95 -11.54 -0.31 -24.39
C ASP B 95 -12.16 -0.45 -25.78
N ASP B 96 -11.75 -1.46 -26.56
CA ASP B 96 -12.17 -1.58 -27.94
C ASP B 96 -13.20 -2.67 -28.18
N PHE B 97 -13.40 -3.58 -27.23
CA PHE B 97 -14.32 -4.68 -27.44
C PHE B 97 -15.77 -4.18 -27.45
N THR B 98 -16.67 -5.02 -27.95
CA THR B 98 -18.07 -4.65 -28.13
C THR B 98 -19.03 -5.73 -27.65
N GLY B 99 -18.71 -6.38 -26.53
CA GLY B 99 -19.60 -7.37 -25.96
C GLY B 99 -20.60 -6.76 -24.99
N CYS B 100 -21.33 -7.64 -24.30
CA CYS B 100 -22.36 -7.25 -23.36
C CYS B 100 -22.14 -7.89 -22.00
N VAL B 101 -22.83 -7.35 -21.00
CA VAL B 101 -22.77 -7.85 -19.62
C VAL B 101 -24.20 -8.08 -19.14
N ILE B 102 -24.45 -9.25 -18.57
CA ILE B 102 -25.78 -9.67 -18.15
C ILE B 102 -25.72 -9.99 -16.66
N ALA B 103 -26.69 -9.50 -15.91
CA ALA B 103 -26.72 -9.70 -14.47
C ALA B 103 -28.09 -10.19 -14.02
N TRP B 104 -28.09 -11.13 -13.07
CA TRP B 104 -29.34 -11.60 -12.49
C TRP B 104 -29.08 -12.05 -11.06
N ASN B 105 -30.10 -11.91 -10.22
CA ASN B 105 -29.96 -12.15 -8.79
C ASN B 105 -30.00 -13.63 -8.47
N SER B 106 -29.34 -14.00 -7.36
CA SER B 106 -29.30 -15.37 -6.89
C SER B 106 -29.43 -15.47 -5.37
N ASN B 107 -30.05 -14.48 -4.74
CA ASN B 107 -30.21 -14.52 -3.28
C ASN B 107 -31.06 -15.72 -2.87
N LYS B 108 -32.14 -16.00 -3.61
CA LYS B 108 -32.98 -17.14 -3.29
C LYS B 108 -32.21 -18.45 -3.42
N LEU B 109 -31.43 -18.59 -4.50
CA LEU B 109 -30.61 -19.80 -4.66
C LEU B 109 -29.54 -19.89 -3.57
N ASP B 110 -28.87 -18.78 -3.28
CA ASP B 110 -27.87 -18.73 -2.22
C ASP B 110 -27.58 -17.29 -1.80
N ASN B 118 -18.00 -19.89 1.64
CA ASN B 118 -17.67 -20.99 0.75
C ASN B 118 -17.00 -20.47 -0.52
N TYR B 119 -17.63 -19.47 -1.13
CA TYR B 119 -17.04 -18.82 -2.30
C TYR B 119 -15.84 -17.98 -1.90
N LEU B 120 -14.97 -17.75 -2.89
CA LEU B 120 -13.69 -17.13 -2.64
C LEU B 120 -13.66 -15.71 -3.19
N TYR B 121 -12.59 -15.00 -2.83
CA TYR B 121 -12.39 -13.59 -3.17
C TYR B 121 -10.94 -13.40 -3.59
N ARG B 122 -10.74 -12.73 -4.72
CA ARG B 122 -9.38 -12.42 -5.13
C ARG B 122 -8.84 -11.24 -4.31
N LEU B 123 -7.53 -11.19 -4.18
CA LEU B 123 -6.87 -10.24 -3.28
C LEU B 123 -5.63 -9.76 -4.02
N PHE B 124 -4.67 -9.15 -3.31
CA PHE B 124 -3.53 -8.52 -3.98
C PHE B 124 -2.84 -9.48 -4.93
N ARG B 125 -2.52 -8.97 -6.12
CA ARG B 125 -1.82 -9.69 -7.16
C ARG B 125 -0.58 -8.89 -7.54
N LYS B 126 0.47 -9.61 -7.97
CA LYS B 126 1.75 -8.95 -8.22
C LYS B 126 1.63 -7.78 -9.19
N SER B 127 0.75 -7.89 -10.18
CA SER B 127 0.55 -6.80 -11.13
C SER B 127 -0.79 -6.98 -11.81
N ASN B 128 -1.26 -5.91 -12.44
CA ASN B 128 -2.51 -5.96 -13.19
C ASN B 128 -2.38 -6.89 -14.38
N LEU B 129 -3.50 -7.48 -14.78
CA LEU B 129 -3.55 -8.36 -15.94
C LEU B 129 -4.23 -7.66 -17.10
N LYS B 130 -3.78 -8.00 -18.31
CA LYS B 130 -4.40 -7.52 -19.53
C LYS B 130 -5.82 -8.09 -19.63
N PRO B 131 -6.55 -7.80 -20.71
CA PRO B 131 -7.80 -8.54 -20.93
C PRO B 131 -7.54 -10.03 -21.18
N PHE B 132 -8.42 -10.85 -20.62
CA PHE B 132 -8.53 -12.27 -20.97
C PHE B 132 -7.26 -13.08 -20.67
N GLU B 133 -6.91 -13.15 -19.38
CA GLU B 133 -6.03 -14.22 -18.91
C GLU B 133 -6.76 -15.16 -17.96
N ARG B 134 -5.95 -15.92 -17.24
CA ARG B 134 -6.36 -16.91 -16.24
C ARG B 134 -5.29 -16.93 -15.17
N ASP B 135 -5.70 -16.94 -13.91
CA ASP B 135 -4.73 -16.94 -12.81
C ASP B 135 -5.29 -17.71 -11.63
N ILE B 136 -4.69 -18.87 -11.36
CA ILE B 136 -4.92 -19.61 -10.13
C ILE B 136 -3.60 -19.62 -9.37
N SER B 137 -3.64 -19.29 -8.08
CA SER B 137 -2.41 -19.09 -7.32
C SER B 137 -2.68 -19.35 -5.85
N THR B 138 -2.27 -20.52 -5.37
CA THR B 138 -2.21 -20.79 -3.95
C THR B 138 -0.94 -20.26 -3.31
N GLU B 139 0.00 -19.75 -4.12
CA GLU B 139 1.27 -19.29 -3.60
C GLU B 139 1.06 -18.02 -2.78
N ILE B 140 1.72 -17.95 -1.63
CA ILE B 140 1.48 -16.87 -0.67
C ILE B 140 1.93 -15.54 -1.26
N TYR B 141 1.12 -14.51 -1.09
CA TYR B 141 1.45 -13.18 -1.55
C TYR B 141 2.27 -12.45 -0.48
N GLN B 142 3.13 -11.55 -0.92
CA GLN B 142 3.97 -10.76 -0.02
C GLN B 142 3.86 -9.29 -0.41
N ALA B 143 3.81 -8.42 0.60
CA ALA B 143 3.83 -6.97 0.40
C ALA B 143 4.94 -6.29 1.18
N GLY B 144 5.78 -7.07 1.88
CA GLY B 144 6.86 -6.53 2.67
C GLY B 144 8.22 -7.03 2.18
N ASN B 145 9.25 -6.66 2.94
CA ASN B 145 10.61 -7.04 2.54
C ASN B 145 10.98 -8.42 3.07
N LYS B 146 10.52 -8.75 4.27
CA LYS B 146 10.78 -10.09 4.82
C LYS B 146 10.07 -11.13 3.97
N PRO B 147 10.77 -12.16 3.49
CA PRO B 147 10.12 -13.19 2.69
C PRO B 147 9.28 -14.10 3.58
N CYS B 148 7.97 -14.09 3.37
CA CYS B 148 7.07 -14.89 4.20
C CYS B 148 7.37 -16.38 4.04
N ASN B 149 7.60 -16.82 2.80
CA ASN B 149 8.08 -18.16 2.45
C ASN B 149 7.46 -19.28 3.29
N GLY B 150 6.17 -19.22 3.54
CA GLY B 150 5.51 -20.27 4.29
C GLY B 150 4.20 -19.76 4.86
N VAL B 151 3.94 -20.11 6.12
CA VAL B 151 2.69 -19.81 6.79
C VAL B 151 2.55 -18.30 6.97
N ALA B 152 1.33 -17.87 7.28
CA ALA B 152 1.05 -16.44 7.40
C ALA B 152 1.90 -15.79 8.49
N GLY B 153 2.32 -14.57 8.23
CA GLY B 153 3.16 -13.83 9.17
C GLY B 153 3.02 -12.33 9.03
N PHE B 154 4.03 -11.59 9.49
CA PHE B 154 4.02 -10.14 9.35
C PHE B 154 3.91 -9.75 7.89
N ASN B 155 2.80 -9.08 7.55
CA ASN B 155 2.54 -8.55 6.21
C ASN B 155 2.23 -9.69 5.26
N CYS B 156 2.40 -10.93 5.71
CA CYS B 156 2.14 -12.12 4.90
C CYS B 156 0.75 -12.66 5.24
N TYR B 157 -0.14 -12.65 4.25
CA TYR B 157 -1.54 -13.04 4.45
C TYR B 157 -1.91 -14.16 3.49
N PHE B 158 -2.97 -14.87 3.82
CA PHE B 158 -3.51 -15.91 2.96
C PHE B 158 -4.01 -15.27 1.67
N PRO B 159 -3.56 -15.72 0.50
CA PRO B 159 -3.86 -14.99 -0.74
C PRO B 159 -5.33 -14.91 -1.09
N LEU B 160 -6.17 -15.79 -0.54
CA LEU B 160 -7.58 -15.81 -0.87
C LEU B 160 -8.44 -15.45 0.33
N ARG B 161 -9.68 -15.03 0.06
CA ARG B 161 -10.62 -14.55 1.05
C ARG B 161 -12.00 -15.07 0.67
N SER B 162 -12.87 -15.25 1.67
CA SER B 162 -14.21 -15.78 1.45
C SER B 162 -15.21 -14.64 1.19
N TYR B 163 -16.46 -15.01 0.93
CA TYR B 163 -17.55 -14.05 0.72
C TYR B 163 -18.62 -14.09 1.80
N GLY B 164 -18.74 -15.20 2.54
CA GLY B 164 -19.71 -15.30 3.62
C GLY B 164 -21.11 -15.67 3.19
N PHE B 165 -21.58 -15.18 2.06
CA PHE B 165 -22.91 -15.45 1.50
C PHE B 165 -24.01 -15.38 2.54
N ARG B 166 -23.88 -14.49 3.51
CA ARG B 166 -24.82 -14.44 4.63
C ARG B 166 -26.21 -14.02 4.16
N PRO B 167 -27.23 -14.83 4.41
CA PRO B 167 -28.60 -14.43 4.05
C PRO B 167 -29.08 -13.27 4.91
N THR B 168 -30.12 -12.60 4.41
CA THR B 168 -30.71 -11.43 5.04
C THR B 168 -29.70 -10.29 5.23
N TYR B 169 -28.68 -10.24 4.37
CA TYR B 169 -27.75 -9.13 4.40
C TYR B 169 -28.35 -7.93 3.67
N GLY B 170 -27.64 -6.81 3.70
CA GLY B 170 -28.16 -5.58 3.13
C GLY B 170 -28.31 -5.68 1.62
N VAL B 171 -29.12 -4.76 1.08
CA VAL B 171 -29.39 -4.76 -0.35
C VAL B 171 -28.12 -4.46 -1.14
N GLY B 172 -27.24 -3.60 -0.61
CA GLY B 172 -25.94 -3.43 -1.22
C GLY B 172 -25.06 -4.65 -1.05
N HIS B 173 -25.14 -5.29 0.12
CA HIS B 173 -24.27 -6.41 0.46
C HIS B 173 -24.97 -7.74 0.20
N GLN B 174 -25.41 -7.95 -1.04
CA GLN B 174 -25.93 -9.24 -1.45
C GLN B 174 -25.40 -9.58 -2.83
N PRO B 175 -25.22 -10.86 -3.13
CA PRO B 175 -24.62 -11.26 -4.40
C PRO B 175 -25.63 -11.48 -5.52
N TYR B 176 -25.18 -11.20 -6.73
CA TYR B 176 -25.89 -11.58 -7.94
C TYR B 176 -24.88 -11.77 -9.05
N ARG B 177 -25.21 -12.66 -9.98
CA ARG B 177 -24.25 -13.25 -10.89
C ARG B 177 -24.29 -12.53 -12.24
N VAL B 178 -23.19 -12.67 -12.99
CA VAL B 178 -22.96 -11.92 -14.22
C VAL B 178 -22.30 -12.81 -15.25
N VAL B 179 -22.82 -12.73 -16.48
CA VAL B 179 -22.22 -13.38 -17.65
C VAL B 179 -21.82 -12.30 -18.64
N VAL B 180 -20.58 -12.33 -19.09
CA VAL B 180 -20.11 -11.42 -20.13
C VAL B 180 -20.05 -12.17 -21.45
N LEU B 181 -20.66 -11.57 -22.47
CA LEU B 181 -20.80 -12.15 -23.80
C LEU B 181 -19.89 -11.39 -24.76
N SER B 182 -19.04 -12.12 -25.47
CA SER B 182 -18.14 -11.54 -26.45
C SER B 182 -18.43 -12.11 -27.83
N PHE B 183 -18.69 -11.24 -28.79
CA PHE B 183 -18.87 -11.63 -30.18
C PHE B 183 -17.63 -11.21 -30.95
N GLU B 184 -16.95 -12.18 -31.56
CA GLU B 184 -15.72 -11.91 -32.29
C GLU B 184 -15.75 -12.62 -33.62
N LEU B 185 -15.24 -11.96 -34.66
CA LEU B 185 -15.02 -12.55 -35.96
C LEU B 185 -13.52 -12.53 -36.21
N LEU B 186 -12.95 -13.70 -36.51
CA LEU B 186 -11.51 -13.86 -36.55
C LEU B 186 -11.07 -14.27 -37.95
N HIS B 187 -9.79 -14.60 -38.08
CA HIS B 187 -9.21 -14.98 -39.35
C HIS B 187 -9.75 -16.33 -39.83
N ALA B 188 -9.26 -16.80 -40.97
CA ALA B 188 -9.89 -17.88 -41.71
C ALA B 188 -11.38 -17.58 -41.92
N PRO B 189 -11.71 -16.55 -42.72
CA PRO B 189 -13.12 -16.12 -42.81
C PRO B 189 -14.05 -17.20 -43.33
N ALA B 190 -13.53 -18.22 -44.02
CA ALA B 190 -14.42 -19.18 -44.65
C ALA B 190 -14.93 -20.21 -43.66
N THR B 191 -15.41 -19.75 -42.51
CA THR B 191 -16.21 -20.54 -41.58
C THR B 191 -17.56 -19.90 -41.32
N VAL B 192 -17.57 -18.60 -41.00
CA VAL B 192 -18.75 -17.80 -40.68
C VAL B 192 -19.84 -18.55 -39.94
N CYS B 193 -21.09 -18.14 -40.15
CA CYS B 193 -22.25 -18.69 -39.48
C CYS B 193 -23.47 -18.30 -40.29
N GLY B 194 -24.48 -19.18 -40.30
CA GLY B 194 -25.59 -19.02 -41.19
C GLY B 194 -26.92 -18.83 -40.50
N PRO B 195 -27.64 -17.77 -40.87
CA PRO B 195 -29.00 -17.59 -40.36
C PRO B 195 -29.93 -18.66 -40.90
N LYS B 196 -31.16 -18.66 -40.38
CA LYS B 196 -32.17 -19.61 -40.83
C LYS B 196 -32.78 -19.16 -42.14
N ALA C 49 42.81 10.78 7.21
CA ALA C 49 42.78 12.24 7.13
C ALA C 49 41.36 12.75 6.98
N THR C 50 40.84 13.37 8.04
CA THR C 50 39.46 13.84 8.06
C THR C 50 39.36 15.31 7.63
N ILE C 51 39.99 16.22 8.38
CA ILE C 51 40.00 17.66 8.11
C ILE C 51 38.59 18.22 8.27
N SER C 52 38.49 19.46 8.77
CA SER C 52 37.22 20.18 8.85
C SER C 52 37.29 21.36 7.90
N TRP C 53 36.38 21.38 6.92
CA TRP C 53 36.41 22.43 5.91
C TRP C 53 35.95 23.78 6.45
N SER C 54 35.30 23.80 7.62
CA SER C 54 34.71 25.03 8.12
C SER C 54 35.76 25.96 8.72
N GLY C 55 36.81 26.25 7.97
CA GLY C 55 37.76 27.30 8.31
C GLY C 55 38.63 27.06 9.51
N GLN C 56 38.39 26.01 10.30
CA GLN C 56 39.13 25.85 11.54
C GLN C 56 39.20 24.38 11.97
N GLU C 57 40.17 24.09 12.82
CA GLU C 57 40.42 22.81 13.49
C GLU C 57 40.46 21.67 12.47
N PRO C 58 41.58 21.52 11.73
CA PRO C 58 41.79 20.29 10.96
C PRO C 58 41.74 19.05 11.84
N ALA C 59 41.40 17.91 11.25
CA ALA C 59 41.32 16.65 11.98
C ALA C 59 42.12 15.58 11.25
N TYR C 60 42.84 14.75 12.01
CA TYR C 60 43.69 13.71 11.45
C TYR C 60 43.33 12.36 12.04
N ALA C 61 43.37 11.33 11.20
CA ALA C 61 43.16 9.96 11.63
C ALA C 61 44.51 9.31 11.95
N ASP C 62 44.48 8.00 12.16
CA ASP C 62 45.70 7.25 12.44
C ASP C 62 46.48 6.98 11.16
N GLN C 100 30.52 18.75 3.26
CA GLN C 100 30.45 19.96 2.45
C GLN C 100 29.43 20.94 3.05
N TYR C 101 29.31 22.11 2.43
CA TYR C 101 28.27 23.09 2.74
C TYR C 101 28.50 23.73 4.10
N THR C 102 28.10 24.99 4.24
CA THR C 102 28.35 25.78 5.44
C THR C 102 27.04 25.95 6.21
N GLY C 103 26.74 25.01 7.11
CA GLY C 103 25.59 25.15 7.97
C GLY C 103 25.92 25.78 9.30
N ALA C 104 26.88 25.19 10.02
CA ALA C 104 27.33 25.70 11.32
C ALA C 104 28.58 24.97 11.77
N SER C 105 28.99 25.16 13.02
CA SER C 105 30.16 24.51 13.58
C SER C 105 29.90 23.01 13.66
N TYR C 106 30.84 22.21 13.17
CA TYR C 106 30.71 20.76 13.13
C TYR C 106 32.06 20.08 13.31
N SER C 107 32.01 18.76 13.46
CA SER C 107 33.20 17.90 13.38
C SER C 107 32.70 16.54 12.88
N ILE C 108 32.80 16.34 11.56
CA ILE C 108 32.10 15.24 10.90
C ILE C 108 33.03 14.49 9.95
N LEU C 109 32.46 13.57 9.16
CA LEU C 109 33.21 12.84 8.10
C LEU C 109 34.39 12.01 8.64
N ARG C 110 34.33 11.56 9.90
CA ARG C 110 35.39 10.67 10.36
C ARG C 110 35.32 9.33 9.63
N ASP C 111 34.11 8.83 9.39
CA ASP C 111 33.88 7.64 8.59
C ASP C 111 33.61 8.06 7.15
N GLN C 112 33.21 7.09 6.31
CA GLN C 112 32.98 7.39 4.90
C GLN C 112 31.55 7.86 4.64
N VAL C 113 30.69 7.85 5.67
CA VAL C 113 29.31 8.28 5.49
C VAL C 113 29.18 9.78 5.36
N GLY C 114 30.15 10.54 5.87
CA GLY C 114 30.01 11.98 5.99
C GLY C 114 29.79 12.72 4.68
N TYR C 115 30.40 12.25 3.59
CA TYR C 115 30.27 12.92 2.31
C TYR C 115 29.16 12.28 1.49
N ASP C 116 28.72 12.99 0.45
CA ASP C 116 27.70 12.50 -0.47
C ASP C 116 28.26 12.06 -1.81
N TYR C 117 29.19 12.84 -2.37
CA TYR C 117 29.84 12.46 -3.62
C TYR C 117 30.81 11.31 -3.41
N THR D 1 32.31 14.44 41.23
CA THR D 1 31.73 13.12 41.38
C THR D 1 30.33 13.07 40.75
N ASN D 2 29.57 12.05 41.14
CA ASN D 2 28.20 11.80 40.66
C ASN D 2 28.07 12.04 39.16
N LEU D 3 28.86 11.28 38.41
CA LEU D 3 28.81 11.33 36.96
C LEU D 3 27.49 10.77 36.43
N CYS D 4 27.00 11.37 35.34
CA CYS D 4 25.81 10.85 34.68
C CYS D 4 26.12 9.50 34.05
N PRO D 5 25.10 8.65 33.86
CA PRO D 5 25.35 7.33 33.26
C PRO D 5 26.05 7.40 31.91
N PHE D 6 25.65 8.35 31.06
CA PHE D 6 26.22 8.57 29.73
C PHE D 6 26.73 7.31 29.05
N ASP D 7 27.86 6.78 29.51
CA ASP D 7 28.44 5.60 28.87
C ASP D 7 27.49 4.41 28.94
N GLU D 8 26.88 4.19 30.10
CA GLU D 8 25.99 3.05 30.27
C GLU D 8 24.79 3.15 29.33
N VAL D 9 24.15 4.32 29.27
CA VAL D 9 23.03 4.50 28.36
C VAL D 9 23.47 4.57 26.91
N PHE D 10 24.76 4.68 26.65
CA PHE D 10 25.29 4.68 25.29
C PHE D 10 25.91 3.34 24.90
N ASN D 11 26.63 2.70 25.83
CA ASN D 11 27.13 1.35 25.63
C ASN D 11 26.09 0.28 25.97
N ALA D 12 24.81 0.67 26.06
CA ALA D 12 23.77 -0.24 26.48
C ALA D 12 23.53 -1.33 25.46
N THR D 13 23.32 -2.54 25.95
CA THR D 13 22.94 -3.66 25.10
C THR D 13 21.42 -3.68 24.91
N ARG D 14 20.99 -4.38 23.87
CA ARG D 14 19.56 -4.50 23.52
C ARG D 14 18.98 -3.10 23.31
N PHE D 15 19.47 -2.48 22.26
CA PHE D 15 19.01 -1.13 21.90
C PHE D 15 17.57 -1.19 21.40
N ALA D 16 16.89 -0.06 21.52
CA ALA D 16 15.46 -0.02 21.24
C ALA D 16 15.22 0.15 19.74
N SER D 17 13.96 0.36 19.38
CA SER D 17 13.55 0.50 17.98
C SER D 17 13.78 1.91 17.48
N VAL D 18 13.26 2.19 16.29
CA VAL D 18 13.39 3.52 15.69
C VAL D 18 12.06 4.27 15.72
N TYR D 19 10.98 3.61 15.30
CA TYR D 19 9.66 4.24 15.36
C TYR D 19 9.21 4.50 16.79
N ALA D 20 9.77 3.78 17.77
CA ALA D 20 9.37 3.92 19.17
C ALA D 20 10.65 4.09 19.98
N TRP D 21 10.98 5.34 20.31
CA TRP D 21 12.22 5.65 20.98
C TRP D 21 11.98 5.59 22.49
N ASN D 22 12.93 6.10 23.28
CA ASN D 22 12.73 6.26 24.71
C ASN D 22 13.47 7.53 25.15
N ARG D 23 12.75 8.64 25.19
CA ARG D 23 13.32 9.89 25.68
C ARG D 23 13.67 9.75 27.15
N LYS D 24 14.95 9.82 27.47
CA LYS D 24 15.41 9.71 28.85
C LYS D 24 15.94 11.07 29.29
N ARG D 25 15.30 11.66 30.30
CA ARG D 25 15.84 12.85 30.93
C ARG D 25 17.07 12.47 31.76
N ILE D 26 18.08 13.34 31.74
CA ILE D 26 19.27 13.16 32.55
C ILE D 26 19.25 14.19 33.66
N SER D 27 19.08 13.73 34.89
CA SER D 27 18.83 14.59 36.04
C SER D 27 20.14 15.23 36.51
N ASN D 28 20.08 15.86 37.68
CA ASN D 28 21.22 16.61 38.21
C ASN D 28 22.44 15.71 38.39
N CYS D 29 23.53 16.06 37.70
CA CYS D 29 24.79 15.35 37.83
C CYS D 29 25.86 16.21 37.18
N VAL D 30 27.12 15.84 37.41
CA VAL D 30 28.26 16.46 36.77
C VAL D 30 28.75 15.53 35.68
N ALA D 31 28.64 15.95 34.42
CA ALA D 31 28.87 15.09 33.26
C ALA D 31 30.10 15.58 32.52
N ASP D 32 31.18 14.79 32.57
CA ASP D 32 32.36 15.06 31.78
C ASP D 32 32.09 14.67 30.33
N TYR D 33 32.43 15.56 29.41
CA TYR D 33 32.20 15.32 27.99
C TYR D 33 33.38 14.66 27.29
N SER D 34 34.47 14.40 28.00
CA SER D 34 35.66 13.84 27.38
C SER D 34 35.36 12.46 26.78
N VAL D 35 34.63 11.62 27.50
CA VAL D 35 34.31 10.29 26.99
C VAL D 35 33.48 10.39 25.72
N LEU D 36 32.53 11.32 25.69
CA LEU D 36 31.73 11.52 24.48
C LEU D 36 32.53 12.25 23.40
N TYR D 37 33.30 13.27 23.79
CA TYR D 37 34.04 14.06 22.80
C TYR D 37 35.13 13.23 22.14
N ASN D 38 35.91 12.48 22.92
CA ASN D 38 36.96 11.62 22.40
C ASN D 38 36.66 10.18 22.76
N PHE D 39 36.84 9.28 21.79
CA PHE D 39 36.44 7.89 21.92
C PHE D 39 37.45 7.00 21.22
N ALA D 40 37.09 5.72 21.12
CA ALA D 40 37.74 4.74 20.26
C ALA D 40 37.44 5.15 18.82
N PRO D 41 38.19 4.69 17.82
CA PRO D 41 38.01 5.24 16.48
C PRO D 41 36.65 4.89 15.89
N PHE D 42 36.43 5.33 14.65
CA PHE D 42 35.08 5.37 14.08
C PHE D 42 34.22 6.23 14.98
N PHE D 43 32.93 5.89 15.12
CA PHE D 43 32.02 6.60 16.01
C PHE D 43 31.96 8.09 15.61
N ALA D 44 31.29 8.30 14.47
CA ALA D 44 31.17 9.64 13.91
C ALA D 44 30.46 10.57 14.89
N PHE D 45 30.60 11.87 14.62
CA PHE D 45 30.08 12.92 15.48
C PHE D 45 29.46 13.98 14.59
N LYS D 46 28.31 14.52 15.01
CA LYS D 46 27.63 15.51 14.18
C LYS D 46 26.86 16.44 15.13
N CYS D 47 27.48 17.55 15.51
CA CYS D 47 26.92 18.43 16.53
C CYS D 47 26.71 19.83 15.94
N TYR D 48 25.50 20.35 16.10
CA TYR D 48 25.10 21.61 15.49
C TYR D 48 24.97 22.73 16.50
N GLY D 49 24.99 23.95 15.99
CA GLY D 49 24.74 25.12 16.80
C GLY D 49 25.80 25.30 17.87
N VAL D 50 25.35 25.30 19.12
CA VAL D 50 26.25 25.46 20.25
C VAL D 50 27.21 24.28 20.32
N SER D 51 28.47 24.56 20.71
CA SER D 51 29.56 23.62 20.61
C SER D 51 30.17 23.33 21.98
N PRO D 52 30.70 22.11 22.18
CA PRO D 52 31.18 21.72 23.52
C PRO D 52 32.25 22.62 24.10
N THR D 53 33.07 23.24 23.25
CA THR D 53 34.18 24.07 23.73
C THR D 53 33.70 25.22 24.60
N LYS D 54 32.43 25.60 24.52
CA LYS D 54 31.83 26.51 25.47
C LYS D 54 30.69 25.91 26.27
N LEU D 55 30.26 24.67 25.98
CA LEU D 55 29.35 24.01 26.92
C LEU D 55 30.09 23.54 28.16
N ASN D 56 31.42 23.39 28.07
CA ASN D 56 32.19 23.11 29.27
C ASN D 56 32.04 24.21 30.32
N ASP D 57 31.71 25.43 29.88
CA ASP D 57 31.58 26.57 30.78
C ASP D 57 30.13 26.82 31.22
N LEU D 58 29.24 27.07 30.26
CA LEU D 58 27.88 27.44 30.58
C LEU D 58 27.09 26.26 31.11
N CYS D 59 25.95 26.56 31.74
CA CYS D 59 25.13 25.59 32.45
C CYS D 59 23.79 25.44 31.76
N PHE D 60 23.14 24.30 31.98
CA PHE D 60 21.88 23.97 31.33
C PHE D 60 20.90 23.40 32.34
N THR D 61 19.63 23.80 32.22
CA THR D 61 18.62 23.39 33.19
C THR D 61 18.45 21.88 33.21
N ASN D 62 18.23 21.27 32.06
CA ASN D 62 18.06 19.83 31.96
C ASN D 62 18.29 19.40 30.52
N VAL D 63 18.44 18.09 30.33
CA VAL D 63 18.78 17.52 29.04
C VAL D 63 18.01 16.24 28.83
N TYR D 64 17.67 15.97 27.56
CA TYR D 64 17.05 14.71 27.15
C TYR D 64 17.92 14.01 26.12
N ALA D 65 17.99 12.68 26.24
CA ALA D 65 18.72 11.84 25.30
C ALA D 65 17.76 10.83 24.69
N ASP D 66 17.83 10.67 23.37
CA ASP D 66 17.02 9.70 22.65
C ASP D 66 17.91 8.83 21.77
N SER D 67 17.61 7.55 21.70
CA SER D 67 18.49 6.56 21.08
C SER D 67 17.71 5.74 20.05
N PHE D 68 18.33 5.45 18.91
CA PHE D 68 17.68 4.57 17.95
C PHE D 68 18.68 4.06 16.93
N VAL D 69 18.23 3.11 16.11
CA VAL D 69 19.10 2.26 15.31
C VAL D 69 18.89 2.45 13.81
N ILE D 70 18.53 3.66 13.39
CA ILE D 70 18.20 3.90 11.99
C ILE D 70 19.34 3.41 11.09
N ARG D 71 18.97 2.74 10.00
CA ARG D 71 19.89 2.16 9.04
C ARG D 71 19.98 3.05 7.80
N GLY D 72 20.87 2.69 6.88
CA GLY D 72 20.91 3.27 5.56
C GLY D 72 21.53 4.66 5.49
N ASN D 73 21.44 5.22 4.29
CA ASN D 73 21.97 6.56 4.04
C ASN D 73 21.09 7.65 4.65
N GLU D 74 19.87 7.31 5.07
CA GLU D 74 18.92 8.30 5.55
C GLU D 74 19.33 8.89 6.90
N VAL D 75 20.52 8.54 7.39
CA VAL D 75 21.06 9.19 8.58
C VAL D 75 21.25 10.69 8.33
N SER D 76 21.35 11.08 7.06
CA SER D 76 21.41 12.51 6.75
C SER D 76 20.12 13.22 7.11
N GLN D 77 19.01 12.49 7.23
CA GLN D 77 17.72 13.12 7.51
C GLN D 77 17.67 13.72 8.90
N ILE D 78 18.42 13.18 9.85
CA ILE D 78 18.52 13.79 11.17
C ILE D 78 19.49 14.96 11.05
N ALA D 79 18.94 16.13 10.74
CA ALA D 79 19.65 17.37 10.45
C ALA D 79 18.59 18.47 10.43
N PRO D 80 18.95 19.75 10.31
CA PRO D 80 17.93 20.79 10.14
C PRO D 80 16.89 20.37 9.10
N GLY D 81 15.64 20.71 9.38
CA GLY D 81 14.49 20.08 8.73
C GLY D 81 14.60 19.89 7.24
N GLN D 82 14.69 18.62 6.83
CA GLN D 82 14.76 18.22 5.43
C GLN D 82 13.62 17.26 5.13
N THR D 83 13.01 17.41 3.96
CA THR D 83 11.89 16.55 3.57
C THR D 83 12.41 15.19 3.12
N GLY D 84 12.05 14.15 3.87
CA GLY D 84 12.42 12.80 3.56
C GLY D 84 11.59 11.82 4.38
N ASN D 85 11.26 10.66 3.80
CA ASN D 85 10.29 9.77 4.43
C ASN D 85 10.63 9.42 5.86
N ILE D 86 11.92 9.31 6.19
CA ILE D 86 12.31 9.11 7.58
C ILE D 86 11.94 10.34 8.41
N ALA D 87 12.24 11.53 7.88
CA ALA D 87 12.10 12.75 8.68
C ALA D 87 10.66 13.03 9.08
N ASP D 88 9.74 13.05 8.11
CA ASP D 88 8.40 13.51 8.45
C ASP D 88 7.56 12.40 9.06
N TYR D 89 8.01 11.16 9.01
CA TYR D 89 7.27 10.06 9.59
C TYR D 89 7.94 9.39 10.79
N ASN D 90 9.28 9.33 10.82
CA ASN D 90 9.99 8.85 12.00
C ASN D 90 10.51 10.01 12.86
N TYR D 91 9.78 11.13 12.82
CA TYR D 91 9.84 12.35 13.63
C TYR D 91 10.89 13.28 13.06
N LYS D 92 10.66 14.59 13.18
CA LYS D 92 11.56 15.58 12.62
C LYS D 92 12.07 16.48 13.74
N LEU D 93 13.38 16.75 13.71
CA LEU D 93 13.94 17.71 14.64
C LEU D 93 13.56 19.13 14.22
N PRO D 94 13.21 20.01 15.17
CA PRO D 94 12.84 21.38 14.81
C PRO D 94 14.03 22.21 14.39
N ASP D 95 13.76 23.20 13.54
CA ASP D 95 14.83 24.02 12.98
C ASP D 95 15.57 24.79 14.07
N ASP D 96 14.82 25.45 14.96
CA ASP D 96 15.43 26.22 16.03
C ASP D 96 16.17 25.34 17.05
N PHE D 97 15.86 24.05 17.11
CA PHE D 97 16.45 23.17 18.09
C PHE D 97 17.94 22.97 17.79
N THR D 98 18.77 23.05 18.82
CA THR D 98 20.22 23.12 18.65
C THR D 98 20.97 22.01 19.38
N GLY D 99 20.36 20.84 19.53
CA GLY D 99 21.04 19.70 20.11
C GLY D 99 21.99 19.05 19.12
N CYS D 100 22.54 17.91 19.52
CA CYS D 100 23.59 17.28 18.74
C CYS D 100 23.37 15.77 18.65
N VAL D 101 23.81 15.19 17.53
CA VAL D 101 23.54 13.81 17.20
C VAL D 101 24.86 13.10 16.90
N ILE D 102 25.02 11.90 17.45
CA ILE D 102 26.21 11.09 17.22
C ILE D 102 25.78 9.71 16.73
N ALA D 103 26.42 9.26 15.64
CA ALA D 103 26.05 8.03 14.96
C ALA D 103 27.28 7.18 14.70
N TRP D 104 27.07 5.86 14.65
CA TRP D 104 28.11 4.93 14.24
C TRP D 104 27.47 3.64 13.74
N ASN D 105 28.25 2.90 12.97
CA ASN D 105 27.76 1.66 12.37
C ASN D 105 27.77 0.52 13.38
N SER D 106 26.76 -0.34 13.29
CA SER D 106 26.62 -1.49 14.16
C SER D 106 26.45 -2.74 13.32
N ASN D 107 27.49 -3.54 13.22
CA ASN D 107 27.37 -4.83 12.55
C ASN D 107 27.75 -6.00 13.44
N LYS D 108 28.82 -5.86 14.23
CA LYS D 108 29.18 -6.92 15.17
C LYS D 108 28.09 -7.13 16.21
N LEU D 109 27.55 -6.04 16.75
CA LEU D 109 26.44 -6.16 17.68
C LEU D 109 25.20 -6.74 17.01
N ASP D 110 24.91 -6.30 15.79
CA ASP D 110 23.79 -6.83 15.02
C ASP D 110 23.94 -6.51 13.54
N ASN D 118 13.71 -8.59 12.68
CA ASN D 118 13.54 -8.65 14.13
C ASN D 118 13.31 -7.25 14.67
N TYR D 119 13.48 -6.25 13.82
CA TYR D 119 13.37 -4.86 14.21
C TYR D 119 12.30 -4.19 13.37
N LEU D 120 11.89 -2.99 13.80
CA LEU D 120 10.74 -2.32 13.21
C LEU D 120 11.17 -0.97 12.64
N TYR D 121 10.46 -0.53 11.60
CA TYR D 121 10.74 0.70 10.86
C TYR D 121 9.43 1.31 10.41
N ARG D 122 9.16 2.55 10.83
CA ARG D 122 7.81 3.08 10.66
C ARG D 122 7.51 3.40 9.21
N LEU D 123 6.28 3.13 8.81
CA LEU D 123 5.78 3.40 7.46
C LEU D 123 5.03 4.73 7.45
N PHE D 124 4.67 5.19 6.25
CA PHE D 124 4.09 6.50 6.06
C PHE D 124 2.78 6.67 6.84
N ARG D 125 2.52 7.91 7.26
CA ARG D 125 1.36 8.28 8.04
C ARG D 125 0.37 9.03 7.17
N LYS D 126 -0.85 9.21 7.70
CA LYS D 126 -1.90 9.88 6.94
C LYS D 126 -1.60 11.36 6.75
N SER D 127 -0.76 11.95 7.59
CA SER D 127 -0.39 13.36 7.47
C SER D 127 1.00 13.58 8.06
N ASN D 128 1.56 14.75 7.76
CA ASN D 128 2.83 15.14 8.35
C ASN D 128 2.66 15.33 9.86
N LEU D 129 3.75 15.11 10.58
CA LEU D 129 3.71 15.07 12.04
C LEU D 129 4.65 16.12 12.59
N LYS D 130 4.22 16.82 13.64
CA LYS D 130 5.02 17.86 14.29
C LYS D 130 6.21 17.22 15.02
N PRO D 131 7.18 18.00 15.48
CA PRO D 131 8.31 17.41 16.21
C PRO D 131 7.93 16.93 17.61
N PHE D 132 8.66 15.91 18.07
CA PHE D 132 8.69 15.49 19.48
C PHE D 132 7.35 14.91 19.97
N GLU D 133 6.83 13.94 19.22
CA GLU D 133 5.76 13.08 19.71
C GLU D 133 5.94 11.68 19.12
N ARG D 134 5.65 10.68 19.94
CA ARG D 134 5.77 9.29 19.54
C ARG D 134 4.53 8.86 18.75
N ASP D 135 4.73 7.94 17.81
CA ASP D 135 3.65 7.39 17.02
C ASP D 135 3.56 5.88 17.17
N ILE D 136 3.72 5.38 18.39
CA ILE D 136 3.51 3.97 18.65
C ILE D 136 2.03 3.67 18.43
N SER D 137 1.72 2.97 17.36
CA SER D 137 0.35 2.89 16.89
C SER D 137 0.17 1.75 15.89
N THR D 138 -0.78 0.86 16.16
CA THR D 138 -1.06 -0.28 15.29
C THR D 138 -2.51 -0.20 14.83
N GLU D 139 -2.75 0.50 13.74
CA GLU D 139 -4.05 0.57 13.09
C GLU D 139 -3.82 0.44 11.60
N ILE D 140 -4.83 0.77 10.81
CA ILE D 140 -4.81 0.52 9.38
C ILE D 140 -4.88 1.86 8.65
N TYR D 141 -3.96 2.08 7.71
CA TYR D 141 -3.82 3.37 7.06
C TYR D 141 -4.84 3.49 5.94
N GLN D 142 -5.62 4.57 5.95
CA GLN D 142 -6.76 4.75 5.05
C GLN D 142 -6.39 5.60 3.82
N ALA D 143 -5.77 4.99 2.81
CA ALA D 143 -5.42 5.74 1.60
C ALA D 143 -6.64 6.03 0.75
N GLY D 144 -7.52 5.05 0.58
CA GLY D 144 -8.62 5.19 -0.35
C GLY D 144 -9.84 5.86 0.27
N ASN D 145 -10.67 6.44 -0.59
CA ASN D 145 -11.92 7.02 -0.12
C ASN D 145 -12.86 5.96 0.42
N LYS D 146 -12.82 4.77 -0.17
CA LYS D 146 -13.59 3.65 0.33
C LYS D 146 -13.11 3.27 1.73
N PRO D 147 -13.98 3.33 2.73
CA PRO D 147 -13.52 3.05 4.11
C PRO D 147 -13.16 1.58 4.29
N CYS D 148 -11.86 1.31 4.43
CA CYS D 148 -11.40 -0.08 4.45
C CYS D 148 -11.77 -0.74 5.77
N ASN D 149 -11.65 0.00 6.88
CA ASN D 149 -12.24 -0.32 8.19
C ASN D 149 -12.11 -1.80 8.56
N GLY D 150 -10.89 -2.32 8.46
CA GLY D 150 -10.67 -3.69 8.89
C GLY D 150 -9.37 -4.26 8.36
N VAL D 151 -9.46 -5.50 7.86
CA VAL D 151 -8.31 -6.25 7.41
C VAL D 151 -7.75 -5.65 6.13
N ALA D 152 -6.56 -6.09 5.74
CA ALA D 152 -5.84 -5.51 4.61
C ALA D 152 -6.61 -5.69 3.31
N GLY D 153 -6.52 -4.70 2.45
CA GLY D 153 -7.14 -4.72 1.14
C GLY D 153 -6.54 -3.66 0.27
N PHE D 154 -7.31 -3.23 -0.73
CA PHE D 154 -6.85 -2.17 -1.62
C PHE D 154 -6.77 -0.88 -0.81
N ASN D 155 -5.63 -0.19 -0.90
CA ASN D 155 -5.31 0.99 -0.10
C ASN D 155 -5.29 0.73 1.40
N CYS D 156 -5.29 -0.54 1.82
CA CYS D 156 -5.09 -0.87 3.23
C CYS D 156 -3.68 -1.41 3.41
N TYR D 157 -2.85 -0.64 4.12
CA TYR D 157 -1.48 -1.00 4.42
C TYR D 157 -1.27 -0.95 5.93
N PHE D 158 -0.76 -2.05 6.49
CA PHE D 158 -0.41 -2.07 7.91
C PHE D 158 1.00 -1.51 8.07
N PRO D 159 1.19 -0.46 8.86
CA PRO D 159 2.50 0.19 8.96
C PRO D 159 3.57 -0.75 9.50
N LEU D 160 4.79 -0.22 9.54
CA LEU D 160 5.99 -0.88 10.09
C LEU D 160 6.53 -1.92 9.12
N ARG D 161 7.86 -1.97 9.02
CA ARG D 161 8.59 -2.90 8.17
C ARG D 161 9.79 -3.40 8.96
N SER D 162 10.56 -4.31 8.36
CA SER D 162 11.69 -4.92 9.04
C SER D 162 12.84 -5.15 8.08
N TYR D 163 14.03 -5.35 8.65
CA TYR D 163 15.21 -5.75 7.90
C TYR D 163 15.98 -6.85 8.62
N GLY D 164 15.30 -7.65 9.43
CA GLY D 164 15.96 -8.54 10.37
C GLY D 164 17.02 -9.47 9.83
N PHE D 165 18.11 -9.61 10.59
CA PHE D 165 19.22 -10.51 10.26
C PHE D 165 19.78 -10.21 8.86
N ARG D 166 20.43 -9.05 8.77
CA ARG D 166 20.97 -8.60 7.49
C ARG D 166 22.49 -8.50 7.46
N PRO D 167 23.23 -9.59 7.65
CA PRO D 167 24.69 -9.50 7.54
C PRO D 167 25.11 -9.27 6.09
N THR D 168 26.16 -8.47 5.92
CA THR D 168 26.79 -8.23 4.62
C THR D 168 25.78 -7.82 3.55
N TYR D 169 24.88 -6.90 3.89
CA TYR D 169 23.90 -6.38 2.94
C TYR D 169 24.44 -5.22 2.13
N GLY D 170 25.69 -4.82 2.32
CA GLY D 170 26.21 -3.66 1.59
C GLY D 170 26.76 -2.64 2.58
N VAL D 171 27.89 -2.06 2.23
CA VAL D 171 28.57 -1.13 3.14
C VAL D 171 27.68 0.07 3.44
N GLY D 172 26.92 0.53 2.43
CA GLY D 172 25.97 1.60 2.68
C GLY D 172 24.69 1.11 3.34
N HIS D 173 24.46 -0.19 3.35
CA HIS D 173 23.24 -0.77 3.92
C HIS D 173 23.43 -1.23 5.35
N GLN D 174 24.65 -1.16 5.91
CA GLN D 174 24.91 -1.72 7.22
C GLN D 174 24.10 -0.99 8.28
N PRO D 175 23.80 -1.66 9.40
CA PRO D 175 22.95 -1.04 10.43
C PRO D 175 23.70 0.08 11.15
N TYR D 176 23.23 1.31 10.96
CA TYR D 176 23.71 2.45 11.71
C TYR D 176 22.91 2.58 13.01
N ARG D 177 23.42 3.41 13.92
CA ARG D 177 22.68 3.73 15.12
C ARG D 177 23.14 5.10 15.58
N VAL D 178 22.18 5.89 16.09
CA VAL D 178 22.42 7.30 16.36
C VAL D 178 21.64 7.74 17.59
N VAL D 179 22.21 8.70 18.31
CA VAL D 179 21.67 9.22 19.57
C VAL D 179 21.61 10.74 19.45
N VAL D 180 20.52 11.31 19.93
CA VAL D 180 20.29 12.76 19.89
C VAL D 180 20.19 13.29 21.31
N LEU D 181 20.91 14.39 21.57
CA LEU D 181 20.88 15.09 22.84
C LEU D 181 20.29 16.47 22.64
N SER D 182 19.37 16.84 23.52
CA SER D 182 18.75 18.16 23.50
C SER D 182 18.90 18.81 24.87
N PHE D 183 19.36 20.07 24.88
CA PHE D 183 19.58 20.83 26.11
C PHE D 183 18.40 21.78 26.28
N GLU D 184 17.55 21.49 27.27
CA GLU D 184 16.37 22.30 27.52
C GLU D 184 16.62 23.24 28.69
N LEU D 185 16.37 24.53 28.47
CA LEU D 185 16.56 25.56 29.48
C LEU D 185 15.19 26.14 29.82
N LEU D 186 14.47 25.49 30.73
CA LEU D 186 13.20 26.00 31.20
C LEU D 186 13.45 27.20 32.12
N HIS D 187 12.40 27.99 32.35
CA HIS D 187 12.53 29.17 33.18
C HIS D 187 12.98 28.80 34.58
N ALA D 188 13.77 29.70 35.19
CA ALA D 188 14.40 29.51 36.50
C ALA D 188 15.27 28.26 36.53
N PRO D 189 16.48 28.32 35.93
CA PRO D 189 17.42 27.19 35.96
C PRO D 189 17.61 26.65 37.38
N ALA D 190 17.89 25.35 37.49
CA ALA D 190 18.09 24.70 38.78
C ALA D 190 19.50 24.18 38.96
N THR D 191 19.97 23.32 38.06
CA THR D 191 21.23 22.60 38.25
C THR D 191 21.73 22.12 36.89
N VAL D 192 22.67 21.18 36.92
CA VAL D 192 23.22 20.47 35.77
C VAL D 192 24.21 21.38 35.04
N CYS D 193 25.47 21.35 35.47
CA CYS D 193 26.55 22.14 34.90
C CYS D 193 27.60 21.22 34.32
N GLY D 194 28.67 21.82 33.81
CA GLY D 194 29.77 21.06 33.25
C GLY D 194 30.79 20.66 34.29
N PRO D 195 31.84 19.94 33.88
CA PRO D 195 32.89 19.55 34.83
C PRO D 195 33.74 20.75 35.23
N LYS D 196 34.38 20.61 36.39
CA LYS D 196 35.25 21.67 36.91
C LYS D 196 36.71 21.30 36.77
#